data_1QZ6
#
_entry.id   1QZ6
#
_cell.length_a   40.370
_cell.length_b   75.958
_cell.length_c   67.494
_cell.angle_alpha   90.00
_cell.angle_beta   99.07
_cell.angle_gamma   90.00
#
_symmetry.space_group_name_H-M   'P 1 21 1'
#
loop_
_entity.id
_entity.type
_entity.pdbx_description
1 polymer 'Actin, alpha skeletal muscle'
2 branched beta-D-fructofuranose-(2-1)-alpha-D-glucopyranose
3 non-polymer "ADENOSINE-5'-TRIPHOSPHATE"
4 non-polymer 'JASPISAMIDE A'
5 non-polymer 'CALCIUM ION'
6 water water
#
_entity_poly.entity_id   1
_entity_poly.type   'polypeptide(L)'
_entity_poly.pdbx_seq_one_letter_code
;DEDETTALVCDNGSGLVKAGFAGDDAPRAVFPSIVGRPRHQGVMVGMGQKDSYVGDEAQSKRGILTLKYPIE(HIC)GII
TNWDDMEKIWHHTFYNELRVAPEEHPTLLTEAPLNPKANREKMTQIMFETFNVPAMYVAIQAVLSLYASGRTTGIVLDSG
DGVTHNVPIYEGYALPHAIMRLDLAGRDLTDYLMKILTERGYSFVTTAEREIVRDIKEKLCYVALDFENEMATAASSSSL
EKSYELPDGQVITIGNERFRCPETLFQPSFIGMESAGIHETTYNSIMKCDIDIRKDLYANNVMSGGTTMYPGIADRMQKE
ITALAPSTMKIKIIAPPERKYSVWIGGSILASLSTFQQMWITKQEYDEAGPSIVHRKCF
;
_entity_poly.pdbx_strand_id   A
#
loop_
_chem_comp.id
_chem_comp.type
_chem_comp.name
_chem_comp.formula
ATP non-polymer ADENOSINE-5'-TRIPHOSPHATE 'C10 H16 N5 O13 P3'
CA non-polymer 'CALCIUM ION' 'Ca 2'
FRU D-saccharide, beta linking beta-D-fructofuranose 'C6 H12 O6'
GLC D-saccharide, alpha linking alpha-D-glucopyranose 'C6 H12 O6'
JAS non-polymer 'JASPISAMIDE A' 'C44 H64 N4 O13'
#
# COMPACT_ATOMS: atom_id res chain seq x y z
N THR A 5 -13.96 -25.88 -2.93
CA THR A 5 -13.63 -24.65 -3.74
C THR A 5 -12.54 -23.82 -3.06
N THR A 6 -11.80 -23.07 -3.87
CA THR A 6 -10.71 -22.23 -3.36
C THR A 6 -11.08 -20.77 -3.64
N ALA A 7 -10.98 -19.94 -2.62
CA ALA A 7 -11.21 -18.51 -2.79
C ALA A 7 -9.98 -17.82 -3.38
N LEU A 8 -10.22 -16.73 -4.09
CA LEU A 8 -9.16 -15.88 -4.64
C LEU A 8 -9.09 -14.64 -3.77
N VAL A 9 -7.89 -14.11 -3.67
CA VAL A 9 -7.61 -12.84 -2.98
C VAL A 9 -6.92 -11.90 -3.95
N CYS A 10 -7.57 -10.76 -4.21
CA CYS A 10 -7.00 -9.75 -5.06
C CYS A 10 -6.85 -8.48 -4.27
N ASP A 11 -5.62 -7.98 -4.16
CA ASP A 11 -5.32 -6.75 -3.44
C ASP A 11 -4.79 -5.74 -4.44
N ASN A 12 -5.64 -4.81 -4.83
CA ASN A 12 -5.32 -3.83 -5.85
C ASN A 12 -4.80 -2.56 -5.23
N GLY A 13 -3.56 -2.25 -5.54
CA GLY A 13 -2.92 -1.03 -5.11
C GLY A 13 -2.71 -0.02 -6.22
N SER A 14 -2.25 1.14 -5.80
CA SER A 14 -1.97 2.24 -6.70
C SER A 14 -0.85 1.90 -7.65
N GLY A 15 0.13 1.16 -7.15
CA GLY A 15 1.24 0.74 -7.98
C GLY A 15 1.34 -0.70 -8.39
N LEU A 16 0.92 -1.60 -7.50
CA LEU A 16 1.06 -3.05 -7.73
C LEU A 16 -0.21 -3.80 -7.42
N VAL A 17 -0.53 -4.76 -8.27
CA VAL A 17 -1.55 -5.75 -8.00
C VAL A 17 -0.88 -6.92 -7.29
N LYS A 18 -1.49 -7.42 -6.22
CA LYS A 18 -1.07 -8.63 -5.53
C LYS A 18 -2.28 -9.57 -5.60
N ALA A 19 -2.16 -10.73 -6.25
CA ALA A 19 -3.29 -11.65 -6.36
C ALA A 19 -2.83 -13.08 -6.17
N GLY A 20 -3.75 -13.92 -5.74
CA GLY A 20 -3.43 -15.30 -5.46
C GLY A 20 -4.63 -16.02 -4.87
N PHE A 21 -4.33 -17.14 -4.22
CA PHE A 21 -5.33 -18.04 -3.72
C PHE A 21 -5.32 -18.06 -2.20
N ALA A 22 -6.51 -18.05 -1.63
CA ALA A 22 -6.65 -18.06 -0.19
C ALA A 22 -6.00 -19.33 0.40
N GLY A 23 -5.28 -19.13 1.48
CA GLY A 23 -4.50 -20.18 2.13
C GLY A 23 -3.04 -20.19 1.74
N ASP A 24 -2.68 -19.58 0.60
CA ASP A 24 -1.28 -19.52 0.17
C ASP A 24 -0.55 -18.52 1.06
N ASP A 25 0.77 -18.67 1.17
CA ASP A 25 1.54 -17.82 2.06
C ASP A 25 1.93 -16.47 1.46
N ALA A 26 1.76 -16.34 0.15
CA ALA A 26 2.14 -15.11 -0.56
C ALA A 26 1.38 -15.05 -1.86
N PRO A 27 1.23 -13.84 -2.41
CA PRO A 27 0.51 -13.72 -3.69
C PRO A 27 1.31 -14.39 -4.80
N ARG A 28 0.63 -15.15 -5.63
CA ARG A 28 1.30 -15.80 -6.74
C ARG A 28 1.59 -14.83 -7.88
N ALA A 29 0.82 -13.76 -7.94
CA ALA A 29 0.98 -12.80 -9.01
C ALA A 29 1.16 -11.43 -8.39
N VAL A 30 2.24 -10.78 -8.78
CA VAL A 30 2.54 -9.43 -8.34
C VAL A 30 3.05 -8.69 -9.54
N PHE A 31 2.34 -7.64 -9.98
CA PHE A 31 2.70 -6.95 -11.21
C PHE A 31 2.20 -5.48 -11.18
N PRO A 32 2.76 -4.62 -12.01
CA PRO A 32 2.37 -3.20 -11.98
C PRO A 32 0.92 -2.99 -12.37
N SER A 33 0.25 -2.12 -11.62
CA SER A 33 -1.15 -1.79 -11.84
C SER A 33 -1.21 -0.70 -12.90
N ILE A 34 -0.89 -1.12 -14.11
CA ILE A 34 -0.70 -0.25 -15.27
C ILE A 34 -1.44 -0.87 -16.44
N VAL A 35 -2.19 -0.03 -17.19
CA VAL A 35 -2.84 -0.47 -18.40
C VAL A 35 -2.34 0.42 -19.50
N GLY A 36 -1.97 -0.18 -20.61
CA GLY A 36 -1.48 0.56 -21.77
C GLY A 36 -2.39 0.34 -22.94
N ARG A 37 -2.80 1.43 -23.60
CA ARG A 37 -3.63 1.36 -24.80
C ARG A 37 -2.94 2.00 -26.00
N PRO A 38 -3.19 1.44 -27.19
CA PRO A 38 -2.60 1.93 -28.45
C PRO A 38 -3.51 2.86 -29.21
N ARG A 39 -2.93 3.56 -30.20
CA ARG A 39 -3.60 4.24 -31.36
C ARG A 39 -3.02 5.64 -31.50
N ASP A 51 -5.66 -4.22 -28.40
CA ASP A 51 -6.52 -3.19 -27.80
C ASP A 51 -5.97 -2.68 -26.48
N SER A 52 -5.31 -3.57 -25.72
CA SER A 52 -4.69 -3.16 -24.46
C SER A 52 -3.65 -4.17 -23.95
N TYR A 53 -2.76 -3.67 -23.12
CA TYR A 53 -1.77 -4.48 -22.42
C TYR A 53 -1.75 -4.09 -20.96
N VAL A 54 -1.29 -5.00 -20.12
CA VAL A 54 -1.30 -4.77 -18.67
C VAL A 54 0.07 -5.07 -18.11
N GLY A 55 0.48 -4.34 -17.07
CA GLY A 55 1.62 -4.70 -16.25
C GLY A 55 2.93 -4.66 -16.98
N ASP A 56 3.72 -5.72 -16.85
CA ASP A 56 5.04 -5.72 -17.39
C ASP A 56 5.04 -5.63 -18.89
N GLU A 57 4.08 -6.27 -19.51
CA GLU A 57 4.00 -6.25 -20.97
C GLU A 57 3.74 -4.81 -21.44
N ALA A 58 2.88 -4.10 -20.72
CA ALA A 58 2.61 -2.71 -21.05
C ALA A 58 3.85 -1.82 -20.95
N GLN A 59 4.66 -1.99 -19.89
CA GLN A 59 5.87 -1.20 -19.74
C GLN A 59 6.87 -1.48 -20.87
N SER A 60 6.87 -2.72 -21.34
CA SER A 60 7.76 -3.22 -22.40
C SER A 60 7.44 -2.56 -23.73
N LYS A 61 6.18 -2.24 -23.93
CA LYS A 61 5.68 -1.65 -25.17
C LYS A 61 5.29 -0.20 -24.95
N ARG A 62 5.85 0.44 -23.91
CA ARG A 62 5.49 1.80 -23.54
C ARG A 62 5.56 2.76 -24.73
N GLY A 63 6.48 2.53 -25.66
CA GLY A 63 6.64 3.35 -26.83
C GLY A 63 5.45 3.49 -27.79
N ILE A 64 4.54 2.50 -27.81
CA ILE A 64 3.31 2.55 -28.65
C ILE A 64 2.03 2.66 -27.82
N LEU A 65 2.19 2.74 -26.50
CA LEU A 65 1.06 2.78 -25.59
C LEU A 65 1.04 4.03 -24.73
N THR A 66 -0.15 4.39 -24.28
CA THR A 66 -0.29 5.36 -23.24
C THR A 66 -0.51 4.57 -21.96
N LEU A 67 0.40 4.74 -21.00
CA LEU A 67 0.39 3.96 -19.75
C LEU A 67 -0.37 4.75 -18.69
N LYS A 68 -1.34 4.10 -18.08
CA LYS A 68 -2.19 4.73 -17.06
C LYS A 68 -2.31 3.83 -15.86
N TYR A 69 -2.41 4.46 -14.69
CA TYR A 69 -2.67 3.77 -13.45
C TYR A 69 -4.13 3.95 -13.08
N PRO A 70 -4.96 2.89 -13.12
CA PRO A 70 -6.39 3.05 -12.80
C PRO A 70 -6.72 3.39 -11.37
N ILE A 71 -5.79 3.13 -10.44
CA ILE A 71 -5.99 3.48 -9.05
C ILE A 71 -5.04 4.63 -8.72
N GLU A 72 -5.62 5.69 -8.15
CA GLU A 72 -4.89 6.90 -7.75
C GLU A 72 -5.11 7.10 -6.27
N HIC A 73 -4.06 7.32 -5.52
CA HIC A 73 -3.96 7.27 -4.09
C HIC A 73 -4.95 6.33 -3.38
O HIC A 73 -5.73 6.69 -2.49
CB HIC A 73 -4.35 8.69 -3.61
CG HIC A 73 -3.59 9.81 -4.24
ND1 HIC A 73 -2.22 9.90 -4.14
CD2 HIC A 73 -4.05 10.86 -4.94
CE1 HIC A 73 -1.86 11.01 -4.79
NE2 HIC A 73 -2.93 11.60 -5.30
CZ HIC A 73 -3.00 12.84 -6.05
N GLY A 74 -4.91 5.11 -3.92
CA GLY A 74 -5.68 3.99 -3.41
C GLY A 74 -7.12 3.84 -3.86
N ILE A 75 -7.62 4.84 -4.58
CA ILE A 75 -9.00 4.87 -5.04
C ILE A 75 -9.08 4.56 -6.53
N ILE A 76 -9.99 3.67 -6.92
CA ILE A 76 -10.23 3.41 -8.33
C ILE A 76 -10.81 4.65 -9.00
N THR A 77 -10.11 5.14 -10.03
CA THR A 77 -10.56 6.33 -10.76
C THR A 77 -10.83 6.08 -12.24
N ASN A 78 -10.16 5.11 -12.86
CA ASN A 78 -10.37 4.74 -14.27
C ASN A 78 -11.00 3.34 -14.31
N TRP A 79 -12.30 3.27 -14.40
CA TRP A 79 -13.07 2.03 -14.27
C TRP A 79 -12.93 1.14 -15.47
N ASP A 80 -12.79 1.72 -16.64
CA ASP A 80 -12.56 0.93 -17.84
C ASP A 80 -11.21 0.21 -17.77
N ASP A 81 -10.18 0.91 -17.33
CA ASP A 81 -8.87 0.28 -17.14
C ASP A 81 -8.84 -0.68 -15.95
N MET A 82 -9.55 -0.34 -14.88
CA MET A 82 -9.64 -1.25 -13.74
C MET A 82 -10.22 -2.62 -14.14
N GLU A 83 -11.26 -2.59 -14.97
CA GLU A 83 -11.82 -3.83 -15.46
C GLU A 83 -10.77 -4.63 -16.24
N LYS A 84 -9.92 -3.94 -17.01
CA LYS A 84 -8.86 -4.64 -17.71
C LYS A 84 -7.86 -5.28 -16.74
N ILE A 85 -7.52 -4.59 -15.66
CA ILE A 85 -6.62 -5.18 -14.66
C ILE A 85 -7.24 -6.45 -14.08
N TRP A 86 -8.51 -6.40 -13.72
CA TRP A 86 -9.19 -7.56 -13.15
C TRP A 86 -9.22 -8.72 -14.15
N HIS A 87 -9.51 -8.42 -15.41
CA HIS A 87 -9.56 -9.46 -16.45
C HIS A 87 -8.22 -10.11 -16.61
N HIS A 88 -7.17 -9.30 -16.65
CA HIS A 88 -5.81 -9.79 -16.81
C HIS A 88 -5.44 -10.62 -15.63
N THR A 89 -5.81 -10.18 -14.44
CA THR A 89 -5.50 -10.93 -13.23
C THR A 89 -6.10 -12.33 -13.28
N PHE A 90 -7.39 -12.42 -13.57
CA PHE A 90 -8.08 -13.73 -13.57
C PHE A 90 -7.56 -14.62 -14.70
N TYR A 91 -7.53 -14.08 -15.92
CA TYR A 91 -7.34 -14.92 -17.12
C TYR A 91 -5.91 -15.09 -17.60
N ASN A 92 -5.04 -14.12 -17.31
CA ASN A 92 -3.65 -14.17 -17.75
C ASN A 92 -2.66 -14.47 -16.65
N GLU A 93 -2.91 -14.01 -15.43
CA GLU A 93 -1.94 -14.20 -14.36
C GLU A 93 -2.31 -15.44 -13.59
N LEU A 94 -3.49 -15.48 -12.99
CA LEU A 94 -3.94 -16.61 -12.18
C LEU A 94 -4.38 -17.78 -13.03
N ARG A 95 -4.84 -17.52 -14.24
CA ARG A 95 -5.39 -18.53 -15.16
C ARG A 95 -6.51 -19.36 -14.53
N VAL A 96 -7.52 -18.66 -14.05
CA VAL A 96 -8.71 -19.24 -13.44
C VAL A 96 -9.96 -18.82 -14.17
N ALA A 97 -11.04 -19.53 -13.87
CA ALA A 97 -12.36 -19.17 -14.33
C ALA A 97 -13.03 -18.49 -13.14
N PRO A 98 -13.17 -17.17 -13.18
CA PRO A 98 -13.68 -16.45 -12.00
C PRO A 98 -15.06 -16.91 -11.53
N GLU A 99 -15.87 -17.45 -12.45
CA GLU A 99 -17.18 -17.99 -12.08
C GLU A 99 -17.13 -19.17 -11.10
N GLU A 100 -15.95 -19.74 -10.89
CA GLU A 100 -15.76 -20.89 -9.99
C GLU A 100 -15.20 -20.52 -8.62
N HIS A 101 -14.92 -19.24 -8.36
CA HIS A 101 -14.19 -18.88 -7.14
C HIS A 101 -14.78 -17.70 -6.40
N PRO A 102 -15.13 -17.85 -5.12
CA PRO A 102 -15.37 -16.68 -4.27
C PRO A 102 -14.16 -15.77 -4.34
N THR A 103 -14.36 -14.46 -4.41
CA THR A 103 -13.25 -13.53 -4.62
C THR A 103 -13.30 -12.45 -3.57
N LEU A 104 -12.24 -12.38 -2.75
CA LEU A 104 -12.02 -11.30 -1.81
C LEU A 104 -11.20 -10.19 -2.44
N LEU A 105 -11.80 -9.00 -2.49
CA LEU A 105 -11.09 -7.81 -2.95
C LEU A 105 -10.79 -6.93 -1.77
N THR A 106 -9.91 -5.99 -2.01
CA THR A 106 -9.58 -5.02 -0.97
C THR A 106 -9.89 -3.59 -1.42
N GLU A 107 -10.01 -2.71 -0.46
CA GLU A 107 -10.23 -1.30 -0.72
C GLU A 107 -9.50 -0.43 0.28
N ALA A 108 -9.29 0.84 -0.11
CA ALA A 108 -8.68 1.80 0.75
C ALA A 108 -9.62 2.19 1.87
N PRO A 109 -9.02 2.60 2.99
CA PRO A 109 -9.77 3.29 4.01
C PRO A 109 -10.49 4.51 3.37
N LEU A 110 -11.69 4.81 3.86
CA LEU A 110 -12.53 5.90 3.34
C LEU A 110 -12.82 5.86 1.83
N ASN A 111 -12.95 4.67 1.30
CA ASN A 111 -13.39 4.49 -0.07
C ASN A 111 -14.85 4.96 -0.23
N PRO A 112 -15.13 5.80 -1.22
CA PRO A 112 -16.53 6.21 -1.46
C PRO A 112 -17.47 5.01 -1.63
N LYS A 113 -18.66 5.12 -1.05
CA LYS A 113 -19.71 4.11 -1.18
C LYS A 113 -19.99 3.75 -2.62
N ALA A 114 -20.03 4.72 -3.53
CA ALA A 114 -20.35 4.44 -4.92
C ALA A 114 -19.31 3.51 -5.53
N ASN A 115 -18.06 3.65 -5.09
CA ASN A 115 -17.01 2.84 -5.65
C ASN A 115 -17.14 1.41 -5.20
N ARG A 116 -17.48 1.21 -3.93
CA ARG A 116 -17.70 -0.15 -3.39
C ARG A 116 -18.85 -0.81 -4.21
N GLU A 117 -19.92 -0.06 -4.49
CA GLU A 117 -21.01 -0.62 -5.28
C GLU A 117 -20.59 -0.99 -6.69
N LYS A 118 -19.82 -0.13 -7.33
CA LYS A 118 -19.32 -0.38 -8.67
C LYS A 118 -18.42 -1.63 -8.76
N MET A 119 -17.53 -1.82 -7.79
CA MET A 119 -16.66 -3.01 -7.71
C MET A 119 -17.55 -4.24 -7.65
N THR A 120 -18.62 -4.15 -6.85
CA THR A 120 -19.50 -5.28 -6.61
C THR A 120 -20.24 -5.63 -7.89
N GLN A 121 -20.80 -4.61 -8.53
CA GLN A 121 -21.52 -4.79 -9.79
C GLN A 121 -20.65 -5.45 -10.82
N ILE A 122 -19.43 -4.94 -11.01
CA ILE A 122 -18.54 -5.49 -12.00
C ILE A 122 -18.18 -6.95 -11.73
N MET A 123 -17.84 -7.27 -10.50
CA MET A 123 -17.45 -8.65 -10.18
C MET A 123 -18.60 -9.63 -10.44
N PHE A 124 -19.82 -9.27 -10.07
CA PHE A 124 -20.98 -10.17 -10.29
C PHE A 124 -21.46 -10.19 -11.73
N GLU A 125 -21.58 -9.02 -12.35
CA GLU A 125 -22.21 -8.98 -13.68
C GLU A 125 -21.23 -9.21 -14.83
N THR A 126 -19.98 -8.75 -14.70
CA THR A 126 -18.97 -8.96 -15.73
C THR A 126 -18.20 -10.26 -15.55
N PHE A 127 -17.73 -10.54 -14.34
CA PHE A 127 -16.90 -11.71 -14.10
C PHE A 127 -17.69 -12.90 -13.56
N ASN A 128 -18.93 -12.65 -13.14
CA ASN A 128 -19.84 -13.73 -12.72
C ASN A 128 -19.28 -14.55 -11.57
N VAL A 129 -18.56 -13.89 -10.66
CA VAL A 129 -18.10 -14.59 -9.46
C VAL A 129 -19.28 -15.16 -8.65
N PRO A 130 -19.07 -16.31 -8.02
CA PRO A 130 -20.15 -16.90 -7.21
C PRO A 130 -20.42 -16.18 -5.90
N ALA A 131 -19.39 -15.47 -5.42
CA ALA A 131 -19.44 -14.77 -4.14
C ALA A 131 -18.27 -13.79 -4.11
N MET A 132 -18.43 -12.75 -3.34
CA MET A 132 -17.42 -11.71 -3.20
C MET A 132 -17.48 -11.07 -1.82
N TYR A 133 -16.39 -10.38 -1.44
CA TYR A 133 -16.37 -9.52 -0.27
C TYR A 133 -15.34 -8.44 -0.53
N VAL A 134 -15.49 -7.30 0.12
CA VAL A 134 -14.52 -6.20 0.02
C VAL A 134 -14.09 -5.82 1.43
N ALA A 135 -12.79 -5.95 1.73
CA ALA A 135 -12.27 -5.63 3.04
C ALA A 135 -11.32 -4.45 2.96
N ILE A 136 -11.22 -3.74 4.05
CA ILE A 136 -10.27 -2.62 4.17
C ILE A 136 -8.85 -3.13 4.30
N GLN A 137 -7.98 -2.58 3.47
CA GLN A 137 -6.62 -3.09 3.35
C GLN A 137 -5.92 -3.11 4.70
N ALA A 138 -5.94 -1.97 5.41
CA ALA A 138 -5.20 -1.88 6.68
C ALA A 138 -5.70 -2.93 7.68
N VAL A 139 -7.01 -3.21 7.68
CA VAL A 139 -7.59 -4.19 8.59
C VAL A 139 -6.98 -5.58 8.32
N LEU A 140 -6.93 -5.96 7.06
CA LEU A 140 -6.27 -7.21 6.69
C LEU A 140 -4.82 -7.25 7.18
N SER A 141 -4.04 -6.17 7.07
CA SER A 141 -2.67 -6.17 7.57
C SER A 141 -2.58 -6.44 9.05
N LEU A 142 -3.50 -5.87 9.79
CA LEU A 142 -3.55 -6.15 11.23
C LEU A 142 -3.80 -7.61 11.50
N TYR A 143 -4.70 -8.23 10.75
CA TYR A 143 -4.99 -9.66 10.93
C TYR A 143 -3.78 -10.51 10.64
N ALA A 144 -2.99 -10.11 9.65
CA ALA A 144 -1.79 -10.88 9.25
C ALA A 144 -0.74 -10.87 10.34
N SER A 145 -0.86 -9.94 11.29
CA SER A 145 0.04 -9.85 12.46
C SER A 145 -0.53 -10.59 13.67
N GLY A 146 -1.66 -11.24 13.49
CA GLY A 146 -2.28 -12.01 14.57
C GLY A 146 -3.08 -11.22 15.57
N ARG A 147 -3.57 -10.04 15.16
CA ARG A 147 -4.24 -9.07 16.03
C ARG A 147 -5.59 -8.68 15.47
N THR A 148 -6.50 -8.35 16.38
CA THR A 148 -7.76 -7.72 16.03
C THR A 148 -7.90 -6.31 16.58
N THR A 149 -6.99 -5.89 17.44
CA THR A 149 -6.94 -4.51 17.93
C THR A 149 -5.53 -3.99 17.71
N GLY A 150 -5.43 -2.78 17.18
CA GLY A 150 -4.17 -2.10 17.04
C GLY A 150 -4.31 -0.96 16.07
N ILE A 151 -3.21 -0.30 15.74
CA ILE A 151 -3.25 0.84 14.78
C ILE A 151 -2.23 0.53 13.69
N VAL A 152 -2.70 0.54 12.46
CA VAL A 152 -1.87 0.24 11.31
C VAL A 152 -1.41 1.48 10.64
N LEU A 153 -0.13 1.52 10.27
CA LEU A 153 0.39 2.51 9.35
C LEU A 153 0.59 1.78 8.04
N ASP A 154 -0.20 2.11 7.03
CA ASP A 154 -0.17 1.42 5.72
C ASP A 154 0.32 2.46 4.74
N SER A 155 1.45 2.19 4.11
CA SER A 155 2.05 3.14 3.17
C SER A 155 2.56 2.39 1.96
N GLY A 156 1.96 2.66 0.80
CA GLY A 156 2.29 2.01 -0.44
C GLY A 156 2.95 2.90 -1.46
N ASP A 157 2.50 2.83 -2.70
CA ASP A 157 3.04 3.64 -3.80
C ASP A 157 2.30 4.97 -3.91
N GLY A 158 1.04 4.99 -3.50
CA GLY A 158 0.19 6.14 -3.76
C GLY A 158 -0.41 6.87 -2.57
N VAL A 159 -0.56 6.19 -1.44
CA VAL A 159 -1.22 6.80 -0.29
C VAL A 159 -0.72 6.16 1.00
N THR A 160 -0.79 6.92 2.09
CA THR A 160 -0.47 6.47 3.43
C THR A 160 -1.67 6.69 4.32
N HIS A 161 -2.03 5.69 5.10
CA HIS A 161 -3.09 5.85 6.09
C HIS A 161 -2.66 5.40 7.47
N ASN A 162 -3.20 6.04 8.51
CA ASN A 162 -3.22 5.49 9.86
C ASN A 162 -4.61 4.99 10.12
N VAL A 163 -4.75 3.73 10.49
CA VAL A 163 -6.04 3.12 10.66
C VAL A 163 -6.11 2.40 12.00
N PRO A 164 -6.76 3.01 13.00
CA PRO A 164 -6.99 2.33 14.28
C PRO A 164 -8.16 1.37 14.18
N ILE A 165 -8.00 0.23 14.84
CA ILE A 165 -8.88 -0.92 14.69
C ILE A 165 -9.14 -1.48 16.08
N TYR A 166 -10.41 -1.70 16.39
CA TYR A 166 -10.80 -2.23 17.70
C TYR A 166 -11.71 -3.44 17.50
N GLU A 167 -11.36 -4.56 18.12
CA GLU A 167 -12.15 -5.80 18.01
C GLU A 167 -12.55 -6.18 16.61
N GLY A 168 -11.57 -6.05 15.70
CA GLY A 168 -11.69 -6.53 14.35
C GLY A 168 -12.13 -5.52 13.32
N TYR A 169 -12.59 -4.34 13.76
CA TYR A 169 -13.12 -3.34 12.82
C TYR A 169 -12.43 -1.97 12.93
N ALA A 170 -12.19 -1.36 11.79
CA ALA A 170 -11.60 -0.02 11.72
C ALA A 170 -12.56 0.97 12.36
N LEU A 171 -11.95 2.02 12.92
CA LEU A 171 -12.68 3.14 13.52
C LEU A 171 -12.62 4.30 12.52
N PRO A 172 -13.62 4.44 11.64
CA PRO A 172 -13.46 5.35 10.51
C PRO A 172 -13.27 6.80 10.89
N HIS A 173 -13.87 7.26 12.00
CA HIS A 173 -13.73 8.64 12.38
C HIS A 173 -12.33 9.02 12.82
N ALA A 174 -11.48 8.02 13.07
CA ALA A 174 -10.15 8.28 13.57
C ALA A 174 -9.07 7.97 12.51
N ILE A 175 -9.49 7.54 11.35
CA ILE A 175 -8.55 7.32 10.23
C ILE A 175 -7.88 8.63 9.81
N MET A 176 -6.56 8.61 9.60
CA MET A 176 -5.83 9.71 8.98
C MET A 176 -5.25 9.30 7.65
N ARG A 177 -5.13 10.26 6.74
CA ARG A 177 -4.64 10.05 5.37
C ARG A 177 -3.57 11.06 5.05
N LEU A 178 -2.50 10.59 4.40
CA LEU A 178 -1.42 11.45 3.89
C LEU A 178 -1.27 11.07 2.41
N ASP A 179 -1.44 12.02 1.47
CA ASP A 179 -1.34 11.71 0.05
C ASP A 179 0.13 11.89 -0.32
N LEU A 180 0.98 11.10 0.33
CA LEU A 180 2.42 11.07 0.10
C LEU A 180 2.76 9.64 0.36
N ALA A 181 3.40 9.00 -0.61
CA ALA A 181 3.84 7.64 -0.45
C ALA A 181 4.97 7.33 -1.39
N GLY A 182 5.11 6.07 -1.82
CA GLY A 182 6.34 5.64 -2.46
C GLY A 182 6.65 6.34 -3.77
N ARG A 183 5.65 6.58 -4.60
CA ARG A 183 5.91 7.29 -5.88
C ARG A 183 6.40 8.71 -5.64
N ASP A 184 5.89 9.39 -4.62
CA ASP A 184 6.41 10.73 -4.27
C ASP A 184 7.86 10.69 -3.82
N LEU A 185 8.23 9.65 -3.08
CA LEU A 185 9.59 9.45 -2.65
C LEU A 185 10.50 9.16 -3.84
N THR A 186 10.04 8.32 -4.75
CA THR A 186 10.80 8.08 -5.98
C THR A 186 10.98 9.39 -6.76
N ASP A 187 9.89 10.16 -6.94
CA ASP A 187 9.98 11.41 -7.68
C ASP A 187 10.94 12.42 -7.01
N TYR A 188 10.99 12.46 -5.68
CA TYR A 188 11.90 13.36 -4.95
C TYR A 188 13.32 12.94 -5.19
N LEU A 189 13.61 11.65 -5.08
CA LEU A 189 14.93 11.15 -5.40
C LEU A 189 15.32 11.45 -6.84
N MET A 190 14.39 11.32 -7.76
CA MET A 190 14.67 11.66 -9.17
C MET A 190 15.10 13.15 -9.29
N LYS A 191 14.37 14.01 -8.60
CA LYS A 191 14.60 15.45 -8.61
C LYS A 191 16.01 15.75 -8.06
N ILE A 192 16.33 15.14 -6.92
CA ILE A 192 17.63 15.38 -6.24
C ILE A 192 18.78 14.95 -7.17
N LEU A 193 18.64 13.76 -7.76
CA LEU A 193 19.66 13.22 -8.65
C LEU A 193 19.78 14.02 -9.94
N THR A 194 18.66 14.47 -10.49
CA THR A 194 18.65 15.32 -11.69
C THR A 194 19.36 16.64 -11.42
N GLU A 195 19.14 17.23 -10.25
CA GLU A 195 19.82 18.48 -9.91
C GLU A 195 21.33 18.31 -9.91
N ARG A 196 21.80 17.15 -9.47
CA ARG A 196 23.23 16.84 -9.45
C ARG A 196 23.82 16.49 -10.81
N GLY A 197 22.97 16.38 -11.81
CA GLY A 197 23.40 16.24 -13.19
C GLY A 197 23.14 14.88 -13.81
N TYR A 198 22.40 14.03 -13.11
CA TYR A 198 22.00 12.72 -13.63
C TYR A 198 20.52 12.80 -13.89
N SER A 199 20.18 13.07 -15.13
CA SER A 199 18.82 13.34 -15.54
C SER A 199 17.91 12.10 -15.51
N PHE A 200 16.92 12.16 -14.62
CA PHE A 200 15.88 11.17 -14.54
C PHE A 200 14.54 11.90 -14.58
N VAL A 201 13.81 11.71 -15.68
CA VAL A 201 12.58 12.45 -15.96
C VAL A 201 11.46 11.55 -16.49
N THR A 202 11.80 10.64 -17.41
CA THR A 202 10.81 9.77 -18.08
C THR A 202 10.25 8.68 -17.16
N THR A 203 9.22 7.97 -17.63
CA THR A 203 8.62 6.88 -16.84
C THR A 203 9.60 5.71 -16.69
N ALA A 204 10.36 5.44 -17.75
CA ALA A 204 11.42 4.43 -17.73
C ALA A 204 12.51 4.76 -16.70
N GLU A 205 12.91 6.02 -16.67
CA GLU A 205 13.93 6.48 -15.75
C GLU A 205 13.41 6.43 -14.31
N ARG A 206 12.11 6.58 -14.14
CA ARG A 206 11.50 6.46 -12.82
C ARG A 206 11.72 5.05 -12.27
N GLU A 207 11.64 4.03 -13.13
CA GLU A 207 11.83 2.67 -12.66
C GLU A 207 13.28 2.41 -12.19
N ILE A 208 14.26 3.07 -12.82
CA ILE A 208 15.64 2.97 -12.38
C ILE A 208 15.79 3.61 -10.98
N VAL A 209 15.25 4.81 -10.85
CA VAL A 209 15.38 5.51 -9.57
C VAL A 209 14.59 4.81 -8.48
N ARG A 210 13.43 4.23 -8.80
CA ARG A 210 12.78 3.38 -7.83
C ARG A 210 13.69 2.28 -7.28
N ASP A 211 14.46 1.65 -8.15
CA ASP A 211 15.38 0.62 -7.72
C ASP A 211 16.45 1.16 -6.79
N ILE A 212 17.03 2.31 -7.16
CA ILE A 212 18.00 2.98 -6.26
C ILE A 212 17.39 3.19 -4.88
N LYS A 213 16.19 3.73 -4.86
CA LYS A 213 15.49 4.01 -3.60
C LYS A 213 15.34 2.77 -2.75
N GLU A 214 14.82 1.71 -3.37
CA GLU A 214 14.60 0.47 -2.63
C GLU A 214 15.90 -0.17 -2.13
N LYS A 215 17.00 -0.02 -2.87
CA LYS A 215 18.24 -0.71 -2.48
C LYS A 215 19.10 0.07 -1.48
N LEU A 216 19.06 1.39 -1.58
CA LEU A 216 20.05 2.20 -0.87
C LEU A 216 19.48 3.15 0.18
N CYS A 217 18.19 3.45 0.14
CA CYS A 217 17.67 4.43 1.08
C CYS A 217 17.36 3.82 2.45
N TYR A 218 17.36 4.67 3.46
CA TYR A 218 17.04 4.29 4.81
C TYR A 218 16.57 5.48 5.60
N VAL A 219 15.94 5.20 6.75
CA VAL A 219 15.44 6.22 7.66
C VAL A 219 16.45 6.43 8.79
N ALA A 220 16.94 7.66 8.87
CA ALA A 220 17.84 8.06 9.94
C ALA A 220 17.13 8.12 11.28
N LEU A 221 17.82 7.68 12.33
CA LEU A 221 17.24 7.71 13.67
C LEU A 221 17.17 9.16 14.16
N ASP A 222 18.21 9.93 13.84
CA ASP A 222 18.31 11.34 14.14
C ASP A 222 18.80 12.04 12.88
N PHE A 223 17.91 12.76 12.22
CA PHE A 223 18.17 13.30 10.90
C PHE A 223 19.35 14.28 10.92
N GLU A 224 19.35 15.19 11.90
CA GLU A 224 20.48 16.15 12.03
C GLU A 224 21.81 15.48 12.22
N ASN A 225 21.87 14.49 13.11
CA ASN A 225 23.08 13.73 13.38
C ASN A 225 23.58 13.05 12.11
N GLU A 226 22.64 12.46 11.37
CA GLU A 226 22.99 11.80 10.16
C GLU A 226 23.51 12.78 9.10
N MET A 227 22.92 13.96 8.97
CA MET A 227 23.41 14.98 8.07
C MET A 227 24.86 15.36 8.41
N ALA A 228 25.14 15.54 9.70
CA ALA A 228 26.51 15.86 10.14
C ALA A 228 27.51 14.74 9.82
N THR A 229 27.08 13.48 10.00
CA THR A 229 27.94 12.37 9.67
C THR A 229 28.29 12.37 8.18
N ALA A 230 27.28 12.53 7.32
CA ALA A 230 27.48 12.54 5.91
C ALA A 230 28.37 13.71 5.41
N ALA A 231 28.35 14.82 6.15
CA ALA A 231 29.14 16.02 5.81
C ALA A 231 30.60 15.85 6.18
N SER A 232 30.86 14.94 7.11
CA SER A 232 32.19 14.86 7.72
C SER A 232 33.00 13.62 7.39
N SER A 233 32.41 12.68 6.65
CA SER A 233 33.09 11.46 6.29
C SER A 233 32.42 10.84 5.07
N SER A 234 33.03 9.81 4.51
CA SER A 234 32.48 9.08 3.38
C SER A 234 31.76 7.80 3.82
N SER A 235 31.56 7.62 5.13
CA SER A 235 31.07 6.37 5.72
C SER A 235 29.65 5.99 5.25
N LEU A 236 28.86 6.99 4.86
CA LEU A 236 27.49 6.74 4.41
C LEU A 236 27.31 6.68 2.90
N GLU A 237 28.39 6.80 2.15
CA GLU A 237 28.31 6.74 0.68
C GLU A 237 28.08 5.32 0.18
N LYS A 238 27.20 5.20 -0.81
CA LYS A 238 26.98 3.96 -1.54
C LYS A 238 26.95 4.26 -3.02
N SER A 239 27.31 3.28 -3.85
CA SER A 239 27.39 3.49 -5.28
C SER A 239 26.36 2.62 -5.97
N TYR A 240 25.90 3.06 -7.14
CA TYR A 240 24.93 2.32 -7.94
C TYR A 240 25.26 2.50 -9.42
N GLU A 241 25.36 1.40 -10.15
CA GLU A 241 25.74 1.45 -11.58
C GLU A 241 24.47 1.54 -12.43
N LEU A 242 24.34 2.61 -13.20
CA LEU A 242 23.20 2.78 -14.09
C LEU A 242 23.31 1.86 -15.32
N PRO A 243 22.21 1.61 -16.01
CA PRO A 243 22.26 0.82 -17.26
C PRO A 243 23.25 1.34 -18.31
N ASP A 244 23.49 2.64 -18.35
CA ASP A 244 24.43 3.24 -19.30
C ASP A 244 25.90 3.21 -18.82
N GLY A 245 26.14 2.53 -17.70
CA GLY A 245 27.48 2.37 -17.13
C GLY A 245 27.99 3.47 -16.20
N GLN A 246 27.26 4.58 -16.11
CA GLN A 246 27.57 5.63 -15.13
C GLN A 246 27.41 5.05 -13.71
N VAL A 247 28.34 5.40 -12.83
CA VAL A 247 28.23 5.03 -11.42
C VAL A 247 27.88 6.29 -10.62
N ILE A 248 26.68 6.31 -10.03
CA ILE A 248 26.22 7.40 -9.17
C ILE A 248 26.60 7.04 -7.73
N THR A 249 27.10 8.01 -6.97
CA THR A 249 27.35 7.76 -5.58
C THR A 249 26.41 8.67 -4.82
N ILE A 250 25.74 8.13 -3.81
CA ILE A 250 24.89 8.93 -2.94
C ILE A 250 25.24 8.71 -1.50
N GLY A 251 25.05 9.76 -0.71
CA GLY A 251 25.28 9.73 0.71
C GLY A 251 24.04 10.20 1.42
N ASN A 252 23.93 11.50 1.68
CA ASN A 252 22.78 11.99 2.40
C ASN A 252 21.46 11.84 1.67
N GLU A 253 21.50 11.68 0.35
CA GLU A 253 20.26 11.38 -0.39
C GLU A 253 19.61 10.10 0.11
N ARG A 254 20.43 9.16 0.60
CA ARG A 254 19.91 7.88 1.08
C ARG A 254 18.87 8.05 2.15
N PHE A 255 19.08 8.98 3.08
CA PHE A 255 18.12 9.21 4.16
C PHE A 255 17.30 10.49 4.01
N ARG A 256 17.72 11.41 3.16
CA ARG A 256 16.90 12.59 2.87
C ARG A 256 15.61 12.21 2.16
N CYS A 257 15.66 11.21 1.29
CA CYS A 257 14.51 10.79 0.52
C CYS A 257 13.37 10.31 1.44
N PRO A 258 13.54 9.27 2.25
CA PRO A 258 12.49 8.84 3.16
C PRO A 258 12.23 9.76 4.36
N GLU A 259 13.14 10.71 4.64
CA GLU A 259 12.88 11.68 5.70
C GLU A 259 11.58 12.43 5.38
N THR A 260 11.23 12.55 4.11
CA THR A 260 10.00 13.20 3.64
C THR A 260 8.77 12.63 4.35
N LEU A 261 8.77 11.36 4.69
CA LEU A 261 7.62 10.76 5.39
C LEU A 261 7.36 11.44 6.74
N PHE A 262 8.44 11.84 7.41
CA PHE A 262 8.39 12.53 8.71
C PHE A 262 8.31 14.05 8.52
N GLN A 263 8.81 14.55 7.40
CA GLN A 263 8.86 15.99 7.07
C GLN A 263 8.33 16.22 5.66
N PRO A 264 7.01 16.21 5.46
CA PRO A 264 6.43 16.37 4.13
C PRO A 264 6.73 17.71 3.45
N SER A 265 7.18 18.68 4.23
CA SER A 265 7.64 19.94 3.66
C SER A 265 8.81 19.78 2.72
N PHE A 266 9.57 18.67 2.84
CA PHE A 266 10.65 18.41 1.88
C PHE A 266 10.19 18.42 0.41
N ILE A 267 8.94 18.07 0.13
CA ILE A 267 8.35 18.15 -1.21
C ILE A 267 7.22 19.18 -1.30
N GLY A 268 7.22 20.14 -0.38
CA GLY A 268 6.30 21.25 -0.41
C GLY A 268 4.89 20.95 0.04
N MET A 269 4.72 19.88 0.80
CA MET A 269 3.44 19.59 1.44
C MET A 269 3.39 20.13 2.86
N GLU A 270 2.25 20.71 3.22
CA GLU A 270 2.08 21.28 4.57
C GLU A 270 1.56 20.27 5.60
N SER A 271 1.48 19.00 5.21
CA SER A 271 0.87 17.98 6.03
C SER A 271 1.80 17.58 7.18
N ALA A 272 1.19 17.15 8.27
CA ALA A 272 1.89 16.46 9.36
C ALA A 272 2.59 15.22 8.83
N GLY A 273 3.71 14.88 9.44
CA GLY A 273 4.41 13.65 9.08
C GLY A 273 3.78 12.41 9.71
N ILE A 274 4.26 11.25 9.32
CA ILE A 274 3.63 9.99 9.69
C ILE A 274 3.63 9.69 11.20
N HIS A 275 4.59 10.21 11.95
CA HIS A 275 4.56 10.04 13.38
C HIS A 275 3.45 10.86 14.00
N GLU A 276 3.29 12.06 13.47
CA GLU A 276 2.24 12.98 13.96
C GLU A 276 0.85 12.47 13.61
N THR A 277 0.67 11.96 12.41
CA THR A 277 -0.60 11.38 12.01
C THR A 277 -0.94 10.14 12.83
N THR A 278 0.06 9.34 13.19
CA THR A 278 -0.15 8.18 14.07
C THR A 278 -0.68 8.66 15.43
N TYR A 279 0.02 9.62 16.02
CA TYR A 279 -0.41 10.18 17.30
C TYR A 279 -1.82 10.79 17.18
N ASN A 280 -2.07 11.57 16.14
CA ASN A 280 -3.36 12.25 15.99
C ASN A 280 -4.47 11.22 15.85
N SER A 281 -4.22 10.15 15.12
CA SER A 281 -5.21 9.09 15.01
C SER A 281 -5.51 8.45 16.36
N ILE A 282 -4.47 8.13 17.12
CA ILE A 282 -4.68 7.55 18.44
C ILE A 282 -5.53 8.52 19.30
N MET A 283 -5.25 9.82 19.20
CA MET A 283 -5.98 10.80 20.03
C MET A 283 -7.43 11.02 19.62
N LYS A 284 -7.83 10.54 18.45
CA LYS A 284 -9.21 10.60 18.04
C LYS A 284 -9.99 9.41 18.59
N CYS A 285 -9.28 8.38 19.05
CA CYS A 285 -9.92 7.18 19.56
C CYS A 285 -10.34 7.30 21.03
N ASP A 286 -11.19 6.37 21.44
CA ASP A 286 -11.66 6.29 22.81
C ASP A 286 -10.45 6.30 23.74
N ILE A 287 -10.47 7.21 24.70
CA ILE A 287 -9.39 7.28 25.69
C ILE A 287 -9.02 5.92 26.29
N ASP A 288 -10.01 5.05 26.54
CA ASP A 288 -9.78 3.75 27.17
C ASP A 288 -9.11 2.67 26.29
N ILE A 289 -9.01 2.89 24.96
CA ILE A 289 -8.29 1.95 24.11
C ILE A 289 -6.92 2.45 23.67
N ARG A 290 -6.56 3.68 24.03
CA ARG A 290 -5.30 4.25 23.53
C ARG A 290 -4.09 3.42 23.94
N LYS A 291 -4.07 2.93 25.18
CA LYS A 291 -2.96 2.13 25.68
C LYS A 291 -2.71 0.96 24.77
N ASP A 292 -3.78 0.27 24.36
CA ASP A 292 -3.66 -0.89 23.51
C ASP A 292 -3.18 -0.52 22.11
N LEU A 293 -3.61 0.63 21.60
CA LEU A 293 -3.13 1.10 20.29
C LEU A 293 -1.63 1.40 20.30
N TYR A 294 -1.16 2.11 21.33
CA TYR A 294 0.25 2.44 21.46
C TYR A 294 1.15 1.19 21.50
N ALA A 295 0.62 0.10 22.08
CA ALA A 295 1.37 -1.16 22.22
C ALA A 295 1.20 -2.10 21.03
N ASN A 296 0.47 -1.64 20.02
CA ASN A 296 0.18 -2.46 18.86
C ASN A 296 0.18 -1.63 17.55
N ASN A 297 1.25 -0.88 17.29
CA ASN A 297 1.39 -0.11 16.05
C ASN A 297 1.98 -1.02 15.00
N VAL A 298 1.24 -1.39 13.98
CA VAL A 298 1.70 -2.35 12.96
C VAL A 298 1.98 -1.60 11.67
N MET A 299 3.16 -1.81 11.12
CA MET A 299 3.54 -1.22 9.84
C MET A 299 3.24 -2.15 8.69
N SER A 300 2.64 -1.60 7.63
CA SER A 300 2.20 -2.36 6.47
C SER A 300 2.58 -1.62 5.20
N GLY A 301 2.91 -2.33 4.14
CA GLY A 301 3.09 -1.69 2.85
C GLY A 301 4.54 -1.52 2.44
N GLY A 302 4.79 -1.45 1.15
CA GLY A 302 6.14 -1.31 0.64
C GLY A 302 6.95 -0.13 1.11
N THR A 303 6.28 0.99 1.37
CA THR A 303 6.96 2.21 1.82
C THR A 303 7.34 2.18 3.28
N THR A 304 6.89 1.15 4.01
CA THR A 304 7.38 0.92 5.35
C THR A 304 8.59 0.02 5.38
N MET A 305 9.13 -0.35 4.23
CA MET A 305 10.28 -1.28 4.17
C MET A 305 11.63 -0.66 4.50
N TYR A 306 11.72 0.65 4.55
CA TYR A 306 13.06 1.27 4.79
C TYR A 306 13.69 0.74 6.09
N PRO A 307 14.96 0.32 6.03
CA PRO A 307 15.71 0.10 7.26
C PRO A 307 15.64 1.32 8.15
N GLY A 308 15.48 1.11 9.45
CA GLY A 308 15.46 2.20 10.38
C GLY A 308 14.11 2.79 10.69
N ILE A 309 13.09 2.45 9.90
CA ILE A 309 11.84 3.16 10.08
C ILE A 309 11.14 2.82 11.39
N ALA A 310 11.17 1.55 11.81
CA ALA A 310 10.51 1.19 13.06
C ALA A 310 11.21 1.86 14.24
N ASP A 311 12.54 1.90 14.27
CA ASP A 311 13.26 2.55 15.38
C ASP A 311 12.95 4.05 15.42
N ARG A 312 12.90 4.65 14.24
CA ARG A 312 12.53 6.06 14.16
C ARG A 312 11.13 6.30 14.66
N MET A 313 10.18 5.47 14.24
CA MET A 313 8.81 5.66 14.70
C MET A 313 8.71 5.47 16.21
N GLN A 314 9.44 4.50 16.73
CA GLN A 314 9.46 4.26 18.19
C GLN A 314 9.91 5.53 18.92
N LYS A 315 10.97 6.15 18.42
CA LYS A 315 11.50 7.38 19.00
C LYS A 315 10.50 8.50 18.93
N GLU A 316 9.92 8.71 17.76
CA GLU A 316 9.05 9.83 17.57
C GLU A 316 7.74 9.68 18.36
N ILE A 317 7.16 8.49 18.38
CA ILE A 317 5.89 8.31 19.11
C ILE A 317 6.19 8.43 20.61
N THR A 318 7.31 7.89 21.05
CA THR A 318 7.72 8.06 22.46
C THR A 318 7.78 9.54 22.87
N ALA A 319 8.30 10.42 22.01
CA ALA A 319 8.32 11.86 22.29
C ALA A 319 6.94 12.50 22.36
N LEU A 320 5.97 11.97 21.60
CA LEU A 320 4.63 12.54 21.58
C LEU A 320 3.69 12.04 22.69
N ALA A 321 3.90 10.81 23.10
CA ALA A 321 2.98 10.11 23.98
C ALA A 321 3.31 10.42 25.44
N PRO A 322 2.39 10.10 26.35
CA PRO A 322 2.65 10.21 27.80
C PRO A 322 3.91 9.43 28.21
N SER A 323 4.63 9.95 29.21
CA SER A 323 5.98 9.44 29.57
C SER A 323 6.07 7.98 29.95
N THR A 324 5.02 7.44 30.56
CA THR A 324 5.02 6.05 31.02
C THR A 324 4.42 5.07 30.02
N MET A 325 3.97 5.58 28.88
CA MET A 325 3.22 4.77 27.93
C MET A 325 4.12 3.73 27.30
N LYS A 326 3.68 2.50 27.26
CA LYS A 326 4.42 1.45 26.58
C LYS A 326 4.13 1.52 25.09
N ILE A 327 5.19 1.65 24.29
CA ILE A 327 5.08 1.82 22.84
C ILE A 327 5.77 0.63 22.18
N LYS A 328 5.07 0.01 21.24
CA LYS A 328 5.61 -1.11 20.50
C LYS A 328 5.31 -0.90 19.01
N ILE A 329 6.35 -0.99 18.18
CA ILE A 329 6.19 -0.96 16.73
C ILE A 329 6.48 -2.36 16.18
N ILE A 330 5.53 -2.90 15.43
CA ILE A 330 5.63 -4.21 14.84
C ILE A 330 5.81 -4.03 13.34
N ALA A 331 6.92 -4.53 12.82
CA ALA A 331 7.28 -4.36 11.41
C ALA A 331 7.63 -5.73 10.82
N PRO A 332 6.60 -6.47 10.40
CA PRO A 332 6.80 -7.84 9.91
C PRO A 332 7.72 -7.90 8.71
N PRO A 333 8.59 -8.90 8.61
CA PRO A 333 9.45 -9.00 7.42
C PRO A 333 8.73 -9.05 6.07
N GLU A 334 7.53 -9.60 6.07
CA GLU A 334 6.75 -9.85 4.86
C GLU A 334 5.82 -8.67 4.57
N ARG A 335 6.04 -7.53 5.21
CA ARG A 335 5.00 -6.48 5.17
C ARG A 335 4.73 -5.80 3.83
N LYS A 336 5.52 -6.07 2.79
CA LYS A 336 5.16 -5.65 1.42
C LYS A 336 3.87 -6.34 1.00
N TYR A 337 3.55 -7.46 1.64
CA TYR A 337 2.42 -8.29 1.26
C TYR A 337 1.47 -8.54 2.40
N SER A 338 1.54 -7.78 3.48
CA SER A 338 0.70 -8.03 4.66
C SER A 338 -0.80 -7.93 4.36
N VAL A 339 -1.17 -6.97 3.53
CA VAL A 339 -2.59 -6.82 3.17
C VAL A 339 -3.07 -8.11 2.51
N TRP A 340 -2.32 -8.55 1.53
CA TRP A 340 -2.69 -9.73 0.78
C TRP A 340 -2.76 -10.96 1.71
N ILE A 341 -1.73 -11.13 2.53
CA ILE A 341 -1.68 -12.24 3.48
C ILE A 341 -2.85 -12.24 4.45
N GLY A 342 -3.27 -11.07 4.93
CA GLY A 342 -4.40 -10.96 5.83
C GLY A 342 -5.67 -11.42 5.12
N GLY A 343 -5.80 -11.10 3.83
CA GLY A 343 -6.88 -11.59 3.01
C GLY A 343 -6.86 -13.08 2.85
N SER A 344 -5.67 -13.61 2.63
CA SER A 344 -5.50 -15.05 2.46
C SER A 344 -5.97 -15.79 3.72
N ILE A 345 -5.60 -15.25 4.87
CA ILE A 345 -6.04 -15.82 6.14
C ILE A 345 -7.54 -15.72 6.26
N LEU A 346 -8.08 -14.52 6.13
CA LEU A 346 -9.48 -14.27 6.37
C LEU A 346 -10.34 -15.16 5.48
N ALA A 347 -10.03 -15.24 4.19
CA ALA A 347 -10.89 -15.92 3.23
C ALA A 347 -10.83 -17.43 3.42
N SER A 348 -9.84 -17.89 4.19
CA SER A 348 -9.67 -19.30 4.59
C SER A 348 -10.53 -19.72 5.75
N LEU A 349 -10.99 -18.79 6.57
CA LEU A 349 -11.57 -19.16 7.88
C LEU A 349 -12.98 -19.68 7.76
N SER A 350 -13.30 -20.70 8.56
CA SER A 350 -14.66 -21.23 8.55
C SER A 350 -15.67 -20.15 8.97
N THR A 351 -15.27 -19.31 9.93
CA THR A 351 -16.16 -18.29 10.49
C THR A 351 -16.42 -17.16 9.53
N PHE A 352 -15.64 -17.10 8.44
CA PHE A 352 -15.82 -16.08 7.40
C PHE A 352 -16.80 -16.53 6.28
N GLN A 353 -17.08 -17.82 6.14
CA GLN A 353 -17.79 -18.29 4.97
C GLN A 353 -19.25 -17.80 4.90
N GLN A 354 -19.89 -17.52 6.03
CA GLN A 354 -21.22 -16.94 6.01
C GLN A 354 -21.22 -15.44 5.71
N MET A 355 -20.02 -14.82 5.67
CA MET A 355 -19.90 -13.39 5.41
C MET A 355 -19.80 -13.01 3.92
N TRP A 356 -19.46 -13.96 3.06
CA TRP A 356 -19.43 -13.66 1.62
C TRP A 356 -20.78 -13.13 1.17
N ILE A 357 -20.76 -12.16 0.27
CA ILE A 357 -21.95 -11.79 -0.52
C ILE A 357 -22.09 -12.84 -1.62
N THR A 358 -23.22 -13.55 -1.69
CA THR A 358 -23.40 -14.52 -2.76
C THR A 358 -24.05 -13.89 -3.95
N LYS A 359 -23.87 -14.50 -5.11
CA LYS A 359 -24.54 -13.98 -6.32
C LYS A 359 -26.04 -14.02 -6.15
N GLN A 360 -26.55 -15.01 -5.43
CA GLN A 360 -27.98 -15.06 -5.14
C GLN A 360 -28.45 -13.83 -4.38
N GLU A 361 -27.70 -13.43 -3.34
CA GLU A 361 -28.01 -12.21 -2.60
C GLU A 361 -27.91 -10.96 -3.50
N TYR A 362 -26.90 -10.94 -4.37
CA TYR A 362 -26.74 -9.81 -5.28
C TYR A 362 -27.91 -9.73 -6.27
N ASP A 363 -28.32 -10.88 -6.80
CA ASP A 363 -29.41 -10.90 -7.80
C ASP A 363 -30.72 -10.42 -7.15
N GLU A 364 -30.85 -10.65 -5.84
CA GLU A 364 -32.02 -10.20 -5.08
C GLU A 364 -31.95 -8.69 -4.79
N ALA A 365 -30.79 -8.21 -4.35
CA ALA A 365 -30.66 -6.89 -3.74
C ALA A 365 -29.93 -5.81 -4.55
N GLY A 366 -29.12 -6.19 -5.53
CA GLY A 366 -28.31 -5.25 -6.27
C GLY A 366 -27.03 -4.84 -5.54
N PRO A 367 -26.25 -3.95 -6.13
CA PRO A 367 -24.94 -3.57 -5.59
C PRO A 367 -24.94 -2.97 -4.19
N SER A 368 -26.04 -2.39 -3.73
CA SER A 368 -26.09 -1.81 -2.39
C SER A 368 -26.02 -2.82 -1.25
N ILE A 369 -26.11 -4.11 -1.55
CA ILE A 369 -25.91 -5.11 -0.53
C ILE A 369 -24.52 -5.05 0.11
N VAL A 370 -23.55 -4.48 -0.62
CA VAL A 370 -22.18 -4.42 -0.13
C VAL A 370 -22.06 -3.63 1.16
N HIS A 371 -22.91 -2.63 1.33
CA HIS A 371 -22.84 -1.77 2.52
C HIS A 371 -23.34 -2.48 3.78
N ARG A 372 -24.30 -3.38 3.59
CA ARG A 372 -24.85 -4.19 4.69
C ARG A 372 -23.93 -5.36 5.04
N LYS A 373 -23.28 -5.95 4.05
CA LYS A 373 -22.53 -7.19 4.26
C LYS A 373 -21.07 -6.95 4.54
N CYS A 374 -20.49 -5.85 4.07
CA CYS A 374 -19.07 -5.54 4.23
C CYS A 374 -18.89 -4.28 5.06
N PHE A 375 -19.07 -4.45 6.37
CA PHE A 375 -19.01 -3.40 7.41
C PHE A 375 -20.37 -2.76 7.62
C1 GLC B . 22.81 2.99 7.68
C2 GLC B . 24.17 3.00 7.00
C3 GLC B . 25.24 2.49 7.98
C4 GLC B . 25.20 3.42 9.18
C5 GLC B . 23.80 3.44 9.80
C6 GLC B . 23.71 4.43 10.94
O2 GLC B . 24.13 2.20 5.85
O3 GLC B . 26.54 2.50 7.41
O4 GLC B . 26.14 2.97 10.16
O5 GLC B . 22.81 3.81 8.84
O6 GLC B . 24.26 5.69 10.56
C1 FRU B . 21.27 0.83 6.18
C2 FRU B . 21.22 1.14 7.67
C3 FRU B . 20.91 -0.05 8.59
C4 FRU B . 20.29 0.60 9.79
C5 FRU B . 19.46 1.71 9.12
C6 FRU B . 19.24 2.92 10.03
O1 FRU B . 20.07 0.26 5.76
O2 FRU B . 22.49 1.68 8.05
O3 FRU B . 22.04 -0.86 8.87
O4 FRU B . 19.46 -0.28 10.56
O5 FRU B . 20.16 2.05 7.92
O6 FRU B . 20.47 3.59 10.31
PG ATP C . -1.08 2.02 -2.25
O1G ATP C . -2.28 2.14 -3.13
O2G ATP C . -0.39 3.33 -1.94
O3G ATP C . -1.28 1.09 -1.06
PB ATP C . 0.42 -0.28 -3.44
O1B ATP C . 0.67 -0.46 -4.85
O2B ATP C . -0.56 -1.19 -2.69
O3B ATP C . 0.00 1.29 -3.26
PA ATP C . 2.66 -1.50 -2.05
O1A ATP C . 2.32 -1.66 -0.64
O2A ATP C . 2.51 -2.69 -2.96
O3A ATP C . 1.79 -0.25 -2.62
O5' ATP C . 4.11 -0.81 -2.13
C5' ATP C . 4.76 -0.46 -3.33
C4' ATP C . 5.66 0.69 -2.98
O4' ATP C . 6.62 0.25 -2.02
C3' ATP C . 6.48 1.24 -4.15
O3' ATP C . 6.53 2.64 -4.07
C2' ATP C . 7.86 0.68 -3.91
O2' ATP C . 8.91 1.44 -4.48
C1' ATP C . 7.91 0.66 -2.40
N9 ATP C . 8.92 -0.29 -1.91
C8 ATP C . 8.93 -1.62 -2.12
N7 ATP C . 10.02 -2.16 -1.50
C5 ATP C . 10.66 -1.15 -0.90
C6 ATP C . 11.82 -1.08 -0.14
N6 ATP C . 12.61 -2.12 0.11
N1 ATP C . 12.20 0.14 0.32
C2 ATP C . 11.48 1.27 0.07
N3 ATP C . 10.33 1.24 -0.67
C4 ATP C . 9.96 0.06 -1.14
O13 JAS D . -13.24 -5.37 8.65
C40 JAS D . -13.70 -6.24 9.41
N4 JAS D . -13.94 -7.58 9.11
C41 JAS D . -13.53 -8.06 7.79
C35 JAS D . -14.47 -8.47 10.06
C34 JAS D . -14.68 -9.79 9.90
C33 JAS D . -15.24 -10.63 11.01
C32 JAS D . -14.18 -11.51 11.68
O12 JAS D . -13.72 -12.44 10.71
C42 JAS D . -14.47 -13.59 10.38
C31 JAS D . -12.92 -10.79 12.13
C39 JAS D . -13.21 -9.86 13.28
C30 JAS D . -11.93 -11.84 12.60
O11 JAS D . -12.18 -12.66 13.50
C29 JAS D . -10.60 -11.84 11.95
C28 JAS D . -9.65 -12.92 12.40
C27 JAS D . -8.25 -12.84 11.80
C38 JAS D . -8.26 -13.13 10.30
C26 JAS D . -7.20 -13.67 12.56
O10 JAS D . -7.01 -13.16 13.89
C43 JAS D . -6.12 -12.01 13.96
C25 JAS D . -7.60 -15.15 12.57
C24 JAS D . -6.49 -15.97 13.19
O2 JAS D . -5.35 -15.81 12.31
C1 JAS D . -4.26 -15.26 12.82
O1 JAS D . -4.09 -14.92 14.00
C2 JAS D . -3.09 -15.03 11.89
C3 JAS D . -1.75 -15.36 12.48
O3 JAS D . -1.76 -16.77 12.65
C4 JAS D . -0.57 -14.84 11.65
C5 JAS D . 0.86 -14.73 12.20
O4 JAS D . 0.86 -13.93 13.39
C6 JAS D . 1.86 -14.67 11.11
C23 JAS D . -6.81 -17.47 13.12
C37 JAS D . -8.14 -17.74 13.76
C22 JAS D . -5.65 -18.35 13.64
C21 JAS D . -5.60 -19.74 12.99
C20 JAS D . -5.07 -19.58 11.62
C19 JAS D . -5.70 -19.95 10.50
C18 JAS D . -5.18 -19.79 9.16
O9 JAS D . -6.08 -20.12 8.10
C17 JAS D . -5.35 -19.85 6.97
N3 JAS D . -3.94 -19.42 8.83
C16 JAS D . -4.11 -19.48 7.43
C15 JAS D . -2.98 -18.95 6.76
N2 JAS D . -1.77 -18.48 7.06
O8 JAS D . -3.23 -18.71 5.38
C14 JAS D . -2.11 -18.08 4.94
C13 JAS D . -1.13 -17.96 5.92
C12 JAS D . 0.13 -17.36 6.08
N1 JAS D . 0.96 -17.28 7.10
O7 JAS D . 0.62 -16.61 5.01
C11 JAS D . 1.81 -16.12 5.44
C10 JAS D . 2.05 -16.50 6.76
C9 JAS D . 3.21 -16.25 7.68
O6 JAS D . 4.27 -16.12 6.74
C44 JAS D . 4.81 -17.28 6.10
C8 JAS D . 2.87 -15.13 8.64
C36 JAS D . 2.47 -13.80 8.06
C7 JAS D . 2.09 -15.50 9.88
O5 JAS D . 1.62 -16.65 9.93
CA CA E . -1.91 -1.09 -0.87
#